data_3ZP8
#
_entry.id   3ZP8
#
_cell.length_a   50.820
_cell.length_b   68.530
_cell.length_c   58.900
_cell.angle_alpha   90.00
_cell.angle_beta   112.35
_cell.angle_gamma   90.00
#
_symmetry.space_group_name_H-M   'C 1 2 1'
#
loop_
_entity.id
_entity.type
_entity.pdbx_description
1 polymer 'HAMMERHEAD RIBOZYME, ENZYME STRAND'
2 polymer 'HAMMERHEAD RIBOZYME, SUBSTRATE STRAND'
3 non-polymer 'SODIUM ION'
4 water water
#
loop_
_entity_poly.entity_id
_entity_poly.type
_entity_poly.pdbx_seq_one_letter_code
_entity_poly.pdbx_strand_id
1 'polyribonucleotide' (GDP)GAUGUACUACCAGCUGAUGAGUCCCAAAUAGGACGAAACGCC A
2 'polyribonucleotide' GGCGU(OMC)CUGGUAUCCAAUC(DC) B
#
loop_
_chem_comp.id
_chem_comp.type
_chem_comp.name
_chem_comp.formula
A RNA linking ADENOSINE-5'-MONOPHOSPHATE 'C10 H14 N5 O7 P'
C RNA linking CYTIDINE-5'-MONOPHOSPHATE 'C9 H14 N3 O8 P'
DC DNA linking 2'-DEOXYCYTIDINE-5'-MONOPHOSPHATE 'C9 H14 N3 O7 P'
G RNA linking GUANOSINE-5'-MONOPHOSPHATE 'C10 H14 N5 O8 P'
GDP RNA linking GUANOSINE-5'-DIPHOSPHATE 'C10 H15 N5 O11 P2'
NA non-polymer 'SODIUM ION' 'Na 1'
OMC RNA linking O2'-METHYLYCYTIDINE-5'-MONOPHOSPHATE 'C10 H16 N3 O8 P'
U RNA linking URIDINE-5'-MONOPHOSPHATE 'C9 H13 N2 O9 P'
#
# COMPACT_ATOMS: atom_id res chain seq x y z
PB GDP A 1 16.90 -15.22 1.09
O1B GDP A 1 17.48 -14.38 2.20
O2B GDP A 1 17.91 -16.27 0.69
O3B GDP A 1 15.64 -15.90 1.56
O3A GDP A 1 16.56 -14.30 -0.19
PA GDP A 1 15.50 -13.07 -0.16
O1A GDP A 1 15.45 -12.40 1.19
O2A GDP A 1 14.14 -13.48 -0.65
O5' GDP A 1 16.11 -12.07 -1.27
C5' GDP A 1 16.83 -10.91 -0.88
C4' GDP A 1 17.71 -10.50 -2.05
O4' GDP A 1 18.58 -11.58 -2.42
C3' GDP A 1 16.91 -10.16 -3.30
O3' GDP A 1 16.46 -8.81 -3.28
C2' GDP A 1 17.94 -10.41 -4.37
O2' GDP A 1 18.90 -9.35 -4.39
C1' GDP A 1 18.63 -11.64 -3.85
N9 GDP A 1 17.88 -12.82 -4.31
C8 GDP A 1 17.19 -13.69 -3.55
N7 GDP A 1 16.61 -14.65 -4.32
C5 GDP A 1 16.93 -14.39 -5.60
C6 GDP A 1 16.65 -15.01 -6.91
O6 GDP A 1 15.94 -16.05 -6.99
N1 GDP A 1 17.18 -14.42 -7.98
C2 GDP A 1 17.95 -13.31 -7.92
N2 GDP A 1 18.44 -12.78 -9.06
N3 GDP A 1 18.23 -12.69 -6.75
C4 GDP A 1 17.77 -13.19 -5.58
N1 OMC B 6 -13.79 12.98 1.25
C2 OMC B 6 -15.07 12.94 0.64
N3 OMC B 6 -15.46 13.97 -0.14
C4 OMC B 6 -14.64 15.03 -0.34
C5 OMC B 6 -13.38 15.07 0.24
C6 OMC B 6 -12.97 14.01 1.03
O2 OMC B 6 -15.83 11.95 0.84
N4 OMC B 6 -15.01 16.07 -1.11
C1' OMC B 6 -13.30 11.87 2.06
C2' OMC B 6 -11.94 11.40 1.57
O2' OMC B 6 -12.07 10.51 0.49
CM2 OMC B 6 -10.85 10.31 -0.23
C3' OMC B 6 -11.35 10.80 2.84
C4' OMC B 6 -11.92 11.69 3.94
O4' OMC B 6 -13.12 12.30 3.39
O3' OMC B 6 -11.91 9.50 3.03
C5' OMC B 6 -11.00 12.79 4.41
O5' OMC B 6 -10.69 13.67 3.34
P OMC B 6 -9.74 14.93 3.56
OP1 OMC B 6 -8.46 14.48 4.22
OP2 OMC B 6 -9.69 15.64 2.24
NA NA C . -13.32 4.56 -2.37
NA NA D . -19.53 -1.03 9.41
NA NA E . -21.61 6.50 3.70
NA NA F . -21.56 2.21 16.47
NA NA G . -24.96 8.21 9.23
NA NA H . -0.60 -7.30 2.81
NA NA I . 0.27 -1.07 -10.19
NA NA J . -23.22 16.31 -2.58
NA NA K . -24.83 6.30 13.13
NA NA L . -10.69 14.58 -2.05
NA NA M . -13.18 0.43 6.31
NA NA N . 8.05 -5.76 -7.77
NA NA O . -5.46 1.62 9.84
NA NA P . -24.96 21.76 -0.18
NA NA Q . -2.36 3.62 10.15
NA NA R . -18.23 20.61 -4.12
#